data_7ZPD
#
_entry.id   7ZPD
#
_cell.length_a   48.712
_cell.length_b   60.544
_cell.length_c   82.557
_cell.angle_alpha   90.000
_cell.angle_beta   90.000
_cell.angle_gamma   90.000
#
_symmetry.space_group_name_H-M   'P 21 21 21'
#
loop_
_entity.id
_entity.type
_entity.pdbx_description
1 polymer 'Serine protease subunit NS2B'
2 polymer 'Serine protease NS3'
3 non-polymer 1-[(8R,15S,18S)-15-[[3-(aminomethyl)phenyl]methyl]-18-(4-azanylbutyl)-4,7,14,17,20-pentakis(oxidanylidene)-3,6,13,16,19-pentazabicyclo[20.3.1]hexacosa-1(25),22(26),23-trien-8-yl]guanidine
4 water water
#
loop_
_entity_poly.entity_id
_entity_poly.type
_entity_poly.pdbx_seq_one_letter_code
_entity_poly.pdbx_strand_id
1 'polypeptide(L)' MTGKSVDMYIERAGDITWEKDAEVTGNSPRLDVALDESGDFSLVEEDGPPMRE A
2 'polypeptide(L)'
;GSGALWDVPAPKEVKKGETTDGVYRVMTRRLLGSTQVGVGVMQEGVFHTMWHVTKGAALRSGEGRLDPYWGDVKQDLVSY
CGPWKLDAAWDGLSEVQLLAVPPGERAKNIQTLPGIFKTKDGDIGAVALDYPAGTSGSPILDKCGRVIGLYGNGVVIKNG
SYVSAITQGKREEETPVE
;
B
#
loop_
_chem_comp.id
_chem_comp.type
_chem_comp.name
_chem_comp.formula
JVC non-polymer 1-[(8R,15S,18S)-15-[[3-(aminomethyl)phenyl]methyl]-18-(4-azanylbutyl)-4,7,14,17,20-pentakis(oxidanylidene)-3,6,13,16,19-pentazabicyclo[20.3.1]hexacosa-1(25),22(26),23-trien-8-yl]guanidine 'C34 H50 N10 O5'
#
# COMPACT_ATOMS: atom_id res chain seq x y z
N SER A 5 -8.81 -13.68 21.41
CA SER A 5 -8.30 -13.42 20.07
C SER A 5 -7.98 -11.94 19.86
N VAL A 6 -7.20 -11.66 18.83
CA VAL A 6 -6.78 -10.29 18.55
C VAL A 6 -7.89 -9.58 17.78
N ASP A 7 -8.24 -8.38 18.24
CA ASP A 7 -9.21 -7.52 17.56
C ASP A 7 -8.44 -6.74 16.50
N MET A 8 -8.55 -7.16 15.24
CA MET A 8 -8.02 -6.41 14.11
C MET A 8 -9.16 -5.63 13.45
N TYR A 9 -9.02 -4.31 13.39
CA TYR A 9 -10.11 -3.44 12.99
C TYR A 9 -9.57 -2.29 12.14
N ILE A 10 -10.48 -1.63 11.44
CA ILE A 10 -10.10 -0.51 10.58
C ILE A 10 -10.76 0.78 11.07
N GLU A 11 -10.09 1.89 10.77
CA GLU A 11 -10.65 3.20 11.07
C GLU A 11 -10.29 4.17 9.97
N ARG A 12 -11.27 4.99 9.59
CA ARG A 12 -11.05 5.88 8.46
C ARG A 12 -9.98 6.90 8.81
N ALA A 13 -9.15 7.21 7.82
CA ALA A 13 -8.03 8.11 8.02
C ALA A 13 -7.97 9.24 7.01
N GLY A 14 -8.83 9.27 6.02
CA GLY A 14 -8.81 10.40 5.12
C GLY A 14 -9.39 10.07 3.76
N ASP A 15 -9.47 11.12 2.96
CA ASP A 15 -9.91 11.03 1.57
C ASP A 15 -8.69 10.78 0.70
N ILE A 16 -8.91 10.11 -0.41
CA ILE A 16 -7.84 9.79 -1.35
C ILE A 16 -7.85 10.85 -2.44
N THR A 17 -6.88 11.77 -2.38
N THR A 17 -6.92 11.79 -2.34
CA THR A 17 -6.85 12.97 -3.21
CA THR A 17 -6.84 12.88 -3.30
C THR A 17 -5.41 13.34 -3.52
C THR A 17 -5.38 13.20 -3.57
N TRP A 18 -5.11 13.58 -4.80
CA TRP A 18 -3.81 14.12 -5.19
C TRP A 18 -3.67 15.54 -4.67
N GLU A 19 -2.51 15.86 -4.10
CA GLU A 19 -2.24 17.19 -3.57
C GLU A 19 -1.49 18.01 -4.62
N LYS A 20 -2.08 19.13 -5.02
CA LYS A 20 -1.39 20.04 -5.93
C LYS A 20 -0.22 20.72 -5.21
N ASP A 21 0.81 21.04 -5.98
CA ASP A 21 1.98 21.75 -5.43
C ASP A 21 2.62 20.97 -4.28
N ALA A 22 2.93 19.71 -4.55
N ALA A 22 2.88 19.69 -4.50
CA ALA A 22 3.85 18.95 -3.74
CA ALA A 22 3.25 18.81 -3.39
C ALA A 22 5.20 18.93 -4.44
C ALA A 22 4.77 18.78 -3.20
N GLU A 23 6.27 19.13 -3.69
N GLU A 23 5.17 18.38 -2.00
CA GLU A 23 7.61 19.11 -4.24
CA GLU A 23 6.58 18.15 -1.73
C GLU A 23 8.11 17.68 -4.30
C GLU A 23 7.03 16.95 -2.55
N VAL A 24 8.63 17.26 -5.46
N VAL A 24 7.95 17.17 -3.49
CA VAL A 24 9.10 15.90 -5.62
CA VAL A 24 8.49 16.13 -4.36
C VAL A 24 10.29 15.65 -4.70
C VAL A 24 9.90 15.79 -3.91
N THR A 25 10.26 14.52 -3.99
CA THR A 25 11.41 14.05 -3.22
C THR A 25 11.70 12.58 -3.49
N GLY A 26 12.86 12.12 -3.00
CA GLY A 26 13.31 10.76 -3.21
C GLY A 26 13.97 10.59 -4.55
N ASN A 27 14.82 9.57 -4.65
CA ASN A 27 15.49 9.33 -5.92
C ASN A 27 14.70 8.29 -6.71
N SER A 28 15.28 7.80 -7.81
CA SER A 28 14.60 6.91 -8.75
C SER A 28 15.51 5.73 -9.05
N PRO A 29 15.69 4.84 -8.09
CA PRO A 29 16.72 3.81 -8.24
C PRO A 29 16.35 2.78 -9.28
N ARG A 30 17.37 2.27 -9.94
CA ARG A 30 17.25 1.25 -10.98
C ARG A 30 17.87 -0.01 -10.40
N LEU A 31 17.01 -0.91 -9.90
CA LEU A 31 17.48 -2.07 -9.15
C LEU A 31 17.11 -3.37 -9.87
N ASP A 32 18.04 -4.33 -9.84
CA ASP A 32 17.77 -5.69 -10.30
C ASP A 32 17.29 -6.49 -9.10
N VAL A 33 16.08 -7.06 -9.19
CA VAL A 33 15.49 -7.77 -8.07
C VAL A 33 14.88 -9.08 -8.53
N ALA A 34 14.74 -9.98 -7.57
CA ALA A 34 14.02 -11.23 -7.74
C ALA A 34 12.87 -11.28 -6.75
N LEU A 35 11.80 -11.94 -7.17
CA LEU A 35 10.60 -12.12 -6.36
C LEU A 35 10.37 -13.61 -6.16
N ASP A 36 10.36 -14.06 -4.91
CA ASP A 36 10.19 -15.47 -4.64
C ASP A 36 8.71 -15.82 -4.47
N GLU A 37 8.44 -17.11 -4.28
CA GLU A 37 7.05 -17.56 -4.23
C GLU A 37 6.35 -17.18 -2.93
N SER A 38 7.08 -16.70 -1.94
CA SER A 38 6.51 -16.15 -0.72
C SER A 38 6.21 -14.66 -0.81
N GLY A 39 6.41 -14.06 -1.99
CA GLY A 39 6.17 -12.64 -2.16
C GLY A 39 7.28 -11.75 -1.65
N ASP A 40 8.49 -12.27 -1.50
CA ASP A 40 9.60 -11.51 -0.94
C ASP A 40 10.53 -11.08 -2.07
N PHE A 41 10.79 -9.78 -2.15
CA PHE A 41 11.77 -9.24 -3.08
C PHE A 41 13.16 -9.31 -2.47
N SER A 42 14.16 -9.54 -3.32
CA SER A 42 15.56 -9.51 -2.92
C SER A 42 16.40 -8.92 -4.04
N LEU A 43 17.50 -8.28 -3.66
CA LEU A 43 18.43 -7.75 -4.64
C LEU A 43 19.18 -8.88 -5.32
N VAL A 44 19.37 -8.75 -6.65
CA VAL A 44 20.21 -9.65 -7.42
C VAL A 44 21.61 -9.06 -7.39
N GLU A 45 22.57 -9.82 -6.89
CA GLU A 45 23.92 -9.33 -6.60
C GLU A 45 24.97 -10.18 -7.30
N GLU B 18 -19.82 1.59 6.95
CA GLU B 18 -18.71 0.76 7.38
C GLU B 18 -17.74 0.48 6.23
N THR B 19 -18.17 0.79 5.01
CA THR B 19 -17.34 0.62 3.81
C THR B 19 -17.32 1.90 2.97
N THR B 20 -17.37 3.06 3.62
N THR B 20 -17.36 3.05 3.63
CA THR B 20 -17.31 4.31 2.86
CA THR B 20 -17.27 4.33 2.92
C THR B 20 -15.93 4.48 2.23
C THR B 20 -15.91 4.47 2.24
N ASP B 21 -15.91 4.99 1.00
CA ASP B 21 -14.66 5.18 0.27
C ASP B 21 -13.67 6.00 1.08
N GLY B 22 -12.40 5.63 1.02
CA GLY B 22 -11.35 6.40 1.65
C GLY B 22 -10.18 5.52 2.00
N VAL B 23 -9.21 6.12 2.67
CA VAL B 23 -8.05 5.39 3.19
C VAL B 23 -8.27 5.16 4.67
N TYR B 24 -7.85 3.99 5.16
CA TYR B 24 -8.11 3.54 6.52
C TYR B 24 -6.83 3.02 7.17
N ARG B 25 -6.72 3.20 8.48
CA ARG B 25 -5.71 2.50 9.26
C ARG B 25 -6.22 1.11 9.60
N VAL B 26 -5.30 0.14 9.63
CA VAL B 26 -5.56 -1.21 10.11
C VAL B 26 -4.88 -1.33 11.46
N MET B 27 -5.66 -1.59 12.50
CA MET B 27 -5.23 -1.56 13.88
C MET B 27 -5.44 -2.92 14.53
N THR B 28 -4.62 -3.21 15.54
CA THR B 28 -4.86 -4.36 16.40
C THR B 28 -4.88 -3.92 17.86
N ARG B 29 -5.64 -4.66 18.66
CA ARG B 29 -5.57 -4.45 20.10
C ARG B 29 -5.88 -5.76 20.80
N ARG B 30 -5.27 -5.94 21.98
CA ARG B 30 -5.61 -7.03 22.90
C ARG B 30 -6.29 -6.42 24.13
N LEU B 31 -5.66 -6.52 25.30
CA LEU B 31 -6.25 -5.98 26.52
C LEU B 31 -5.82 -4.54 26.79
N LEU B 32 -4.75 -4.06 26.22
CA LEU B 32 -4.25 -2.71 26.45
C LEU B 32 -4.49 -1.83 25.22
N GLY B 33 -3.52 -1.06 24.78
CA GLY B 33 -3.69 -0.11 23.72
C GLY B 33 -3.60 -0.72 22.34
N SER B 34 -3.80 0.13 21.35
N SER B 34 -3.80 0.14 21.34
CA SER B 34 -3.83 -0.30 19.96
CA SER B 34 -3.85 -0.29 19.95
C SER B 34 -2.45 -0.16 19.33
C SER B 34 -2.54 -0.04 19.22
N THR B 35 -2.27 -0.87 18.23
CA THR B 35 -1.08 -0.77 17.38
C THR B 35 -1.56 -0.65 15.94
N GLN B 36 -0.98 0.26 15.17
CA GLN B 36 -1.25 0.32 13.74
C GLN B 36 -0.33 -0.65 13.01
N VAL B 37 -0.91 -1.65 12.38
CA VAL B 37 -0.14 -2.63 11.61
C VAL B 37 -0.17 -2.32 10.11
N GLY B 38 -1.07 -1.49 9.64
CA GLY B 38 -1.07 -1.15 8.24
C GLY B 38 -2.16 -0.15 7.91
N VAL B 39 -2.48 -0.13 6.62
CA VAL B 39 -3.32 0.86 5.97
C VAL B 39 -4.00 0.15 4.82
N GLY B 40 -5.16 0.64 4.40
CA GLY B 40 -5.74 0.12 3.17
C GLY B 40 -6.72 1.10 2.56
N VAL B 41 -7.27 0.69 1.42
CA VAL B 41 -8.13 1.50 0.59
C VAL B 41 -9.51 0.85 0.49
N MET B 42 -10.54 1.61 0.80
CA MET B 42 -11.92 1.22 0.54
C MET B 42 -12.34 1.87 -0.77
N GLN B 43 -12.70 1.04 -1.76
CA GLN B 43 -13.21 1.52 -3.03
C GLN B 43 -14.24 0.53 -3.54
N GLU B 44 -15.38 1.05 -4.01
CA GLU B 44 -16.43 0.22 -4.58
C GLU B 44 -16.84 -0.90 -3.64
N GLY B 45 -16.89 -0.58 -2.34
CA GLY B 45 -17.34 -1.54 -1.34
C GLY B 45 -16.34 -2.60 -0.97
N VAL B 46 -15.11 -2.53 -1.47
CA VAL B 46 -14.09 -3.54 -1.23
C VAL B 46 -12.92 -2.88 -0.50
N PHE B 47 -12.40 -3.57 0.50
CA PHE B 47 -11.22 -3.10 1.22
C PHE B 47 -9.97 -3.79 0.69
N HIS B 48 -8.96 -3.00 0.39
CA HIS B 48 -7.74 -3.46 -0.26
C HIS B 48 -6.55 -3.16 0.64
N THR B 49 -5.74 -4.18 0.94
CA THR B 49 -4.52 -3.96 1.72
C THR B 49 -3.48 -4.97 1.29
N MET B 50 -2.32 -4.90 1.92
CA MET B 50 -1.26 -5.87 1.66
C MET B 50 -1.45 -7.09 2.54
N TRP B 51 -1.18 -8.26 1.97
CA TRP B 51 -1.40 -9.50 2.70
C TRP B 51 -0.63 -9.51 4.02
N HIS B 52 0.60 -8.99 4.03
CA HIS B 52 1.41 -9.10 5.25
C HIS B 52 0.86 -8.25 6.40
N VAL B 53 -0.04 -7.31 6.11
CA VAL B 53 -0.67 -6.51 7.15
C VAL B 53 -1.66 -7.36 7.96
N THR B 54 -2.54 -8.10 7.29
CA THR B 54 -3.60 -8.81 7.99
C THR B 54 -3.40 -10.32 8.04
N LYS B 55 -2.50 -10.85 7.24
CA LYS B 55 -2.33 -12.30 7.08
C LYS B 55 -3.65 -12.97 6.66
N GLY B 56 -4.53 -12.21 6.02
CA GLY B 56 -5.81 -12.71 5.57
C GLY B 56 -6.86 -12.86 6.64
N ALA B 57 -6.63 -12.33 7.84
CA ALA B 57 -7.61 -12.45 8.90
C ALA B 57 -8.79 -11.51 8.66
N ALA B 58 -9.94 -11.84 9.24
CA ALA B 58 -11.11 -11.00 9.13
C ALA B 58 -10.87 -9.67 9.83
N LEU B 59 -11.57 -8.65 9.37
CA LEU B 59 -11.45 -7.30 9.90
C LEU B 59 -12.76 -6.84 10.49
N ARG B 60 -12.68 -6.17 11.63
CA ARG B 60 -13.83 -5.47 12.16
C ARG B 60 -13.89 -4.06 11.59
N SER B 61 -15.08 -3.63 11.23
CA SER B 61 -15.30 -2.25 10.77
C SER B 61 -16.51 -1.76 11.57
N GLY B 62 -16.23 -0.98 12.61
CA GLY B 62 -17.29 -0.60 13.52
C GLY B 62 -17.87 -1.83 14.16
N GLU B 63 -19.15 -2.09 13.90
CA GLU B 63 -19.83 -3.29 14.38
C GLU B 63 -19.85 -4.42 13.36
N GLY B 64 -19.33 -4.20 12.16
CA GLY B 64 -19.39 -5.17 11.10
C GLY B 64 -18.12 -6.00 10.94
N ARG B 65 -18.27 -7.14 10.27
CA ARG B 65 -17.17 -8.03 9.96
C ARG B 65 -16.92 -8.07 8.46
N LEU B 66 -15.68 -7.83 8.07
CA LEU B 66 -15.26 -7.90 6.67
C LEU B 66 -14.44 -9.17 6.49
N ASP B 67 -14.89 -10.04 5.61
CA ASP B 67 -14.18 -11.29 5.37
C ASP B 67 -13.28 -11.18 4.14
N PRO B 68 -12.13 -11.82 4.16
CA PRO B 68 -11.28 -11.80 2.98
C PRO B 68 -11.97 -12.51 1.83
N TYR B 69 -11.85 -11.93 0.64
CA TYR B 69 -12.47 -12.45 -0.55
C TYR B 69 -11.46 -13.06 -1.50
N TRP B 70 -10.44 -12.31 -1.85
CA TRP B 70 -9.38 -12.74 -2.74
C TRP B 70 -8.05 -12.39 -2.08
N GLY B 71 -7.02 -13.19 -2.35
CA GLY B 71 -5.69 -12.82 -1.90
C GLY B 71 -4.64 -13.62 -2.64
N ASP B 72 -3.39 -13.17 -2.51
CA ASP B 72 -2.27 -13.78 -3.22
C ASP B 72 -1.02 -13.41 -2.44
N VAL B 73 -0.40 -14.40 -1.79
N VAL B 73 -0.38 -14.41 -1.81
CA VAL B 73 0.80 -14.17 -0.99
CA VAL B 73 0.80 -14.11 -0.98
C VAL B 73 1.95 -13.64 -1.84
C VAL B 73 1.96 -13.62 -1.85
N LYS B 74 2.11 -14.16 -3.06
CA LYS B 74 3.24 -13.74 -3.89
C LYS B 74 3.12 -12.27 -4.29
N GLN B 75 1.91 -11.83 -4.65
CA GLN B 75 1.70 -10.41 -4.91
C GLN B 75 1.62 -9.59 -3.63
N ASP B 76 1.46 -10.25 -2.50
CA ASP B 76 1.33 -9.62 -1.18
C ASP B 76 0.09 -8.72 -1.11
N LEU B 77 -1.04 -9.21 -1.61
CA LEU B 77 -2.27 -8.43 -1.64
C LEU B 77 -3.45 -9.27 -1.13
N VAL B 78 -4.46 -8.57 -0.62
N VAL B 78 -4.44 -8.56 -0.58
CA VAL B 78 -5.69 -9.19 -0.16
CA VAL B 78 -5.70 -9.16 -0.13
C VAL B 78 -6.82 -8.17 -0.29
C VAL B 78 -6.80 -8.14 -0.38
N SER B 79 -7.99 -8.64 -0.73
CA SER B 79 -9.19 -7.82 -0.79
C SER B 79 -10.26 -8.42 0.11
N TYR B 80 -11.13 -7.56 0.63
CA TYR B 80 -12.21 -7.92 1.54
C TYR B 80 -13.54 -7.49 0.95
N CYS B 81 -14.55 -8.37 1.10
CA CYS B 81 -15.93 -8.12 0.70
C CYS B 81 -16.20 -8.35 -0.78
N GLY B 82 -15.18 -8.40 -1.60
CA GLY B 82 -15.37 -8.56 -3.02
C GLY B 82 -14.02 -8.62 -3.71
N PRO B 83 -14.04 -8.80 -5.03
CA PRO B 83 -12.78 -8.89 -5.78
C PRO B 83 -12.03 -7.57 -5.82
N TRP B 84 -10.72 -7.69 -6.06
CA TRP B 84 -9.85 -6.53 -6.20
C TRP B 84 -10.38 -5.55 -7.25
N LYS B 85 -10.52 -4.28 -6.84
CA LYS B 85 -11.14 -3.26 -7.68
C LYS B 85 -10.16 -2.26 -8.29
N LEU B 86 -8.94 -2.16 -7.76
CA LEU B 86 -8.02 -1.11 -8.16
C LEU B 86 -7.31 -1.55 -9.45
N ASP B 87 -7.54 -0.81 -10.54
CA ASP B 87 -6.98 -1.22 -11.81
C ASP B 87 -6.11 -0.16 -12.48
N ALA B 88 -5.97 1.02 -11.90
CA ALA B 88 -5.11 2.01 -12.54
C ALA B 88 -3.65 1.56 -12.49
N ALA B 89 -2.92 1.89 -13.54
CA ALA B 89 -1.52 1.47 -13.68
C ALA B 89 -0.62 2.69 -13.76
N TRP B 90 0.55 2.58 -13.14
CA TRP B 90 1.58 3.58 -13.37
C TRP B 90 1.89 3.65 -14.86
N ASP B 91 1.95 4.87 -15.39
CA ASP B 91 2.19 5.05 -16.83
C ASP B 91 3.65 4.82 -17.23
N GLY B 92 4.52 4.52 -16.27
CA GLY B 92 5.91 4.27 -16.55
C GLY B 92 6.72 5.50 -16.81
N LEU B 93 6.14 6.68 -16.58
CA LEU B 93 6.78 7.93 -16.96
C LEU B 93 6.65 9.03 -15.91
N SER B 94 5.45 9.18 -15.35
CA SER B 94 5.08 10.36 -14.57
C SER B 94 5.41 10.20 -13.09
N GLU B 95 5.53 11.34 -12.42
CA GLU B 95 5.61 11.37 -10.97
C GLU B 95 4.30 10.88 -10.36
N VAL B 96 4.42 10.34 -9.14
CA VAL B 96 3.31 9.75 -8.40
C VAL B 96 3.30 10.36 -7.01
N GLN B 97 2.25 10.09 -6.26
CA GLN B 97 2.20 10.48 -4.85
C GLN B 97 1.91 9.29 -3.96
N LEU B 98 2.74 9.11 -2.94
CA LEU B 98 2.41 8.22 -1.83
C LEU B 98 1.50 9.01 -0.89
N LEU B 99 0.31 8.48 -0.64
CA LEU B 99 -0.56 9.02 0.41
C LEU B 99 -0.23 8.21 1.67
N ALA B 100 0.84 8.64 2.33
CA ALA B 100 1.34 7.92 3.49
C ALA B 100 0.43 8.15 4.68
N VAL B 101 0.09 7.08 5.38
CA VAL B 101 -0.70 7.17 6.61
C VAL B 101 0.14 6.52 7.71
N PRO B 102 1.14 7.20 8.24
CA PRO B 102 2.04 6.58 9.19
C PRO B 102 1.35 6.42 10.53
N PRO B 103 1.78 5.46 11.34
CA PRO B 103 1.23 5.35 12.70
C PRO B 103 1.33 6.66 13.45
N GLY B 104 0.21 7.07 14.05
CA GLY B 104 0.19 8.25 14.90
C GLY B 104 0.30 9.58 14.18
N GLU B 105 0.18 9.61 12.86
CA GLU B 105 0.32 10.84 12.08
C GLU B 105 -0.80 10.92 11.06
N ARG B 106 -1.23 12.14 10.72
CA ARG B 106 -2.29 12.22 9.73
C ARG B 106 -1.74 11.95 8.33
N ALA B 107 -2.65 11.60 7.44
CA ALA B 107 -2.29 11.28 6.07
C ALA B 107 -1.56 12.46 5.43
N LYS B 108 -0.51 12.14 4.67
CA LYS B 108 0.25 13.18 3.97
C LYS B 108 0.64 12.67 2.59
N ASN B 109 0.69 13.58 1.62
CA ASN B 109 1.04 13.25 0.25
C ASN B 109 2.51 13.58 0.01
N ILE B 110 3.23 12.62 -0.55
CA ILE B 110 4.63 12.77 -0.88
C ILE B 110 4.79 12.45 -2.36
N GLN B 111 5.25 13.44 -3.14
CA GLN B 111 5.42 13.25 -4.57
C GLN B 111 6.83 12.74 -4.89
N THR B 112 6.93 11.85 -5.86
CA THR B 112 8.22 11.25 -6.19
C THR B 112 8.17 10.76 -7.63
N LEU B 113 9.35 10.67 -8.26
CA LEU B 113 9.47 9.98 -9.53
C LEU B 113 9.93 8.56 -9.25
N PRO B 114 9.12 7.54 -9.56
CA PRO B 114 9.53 6.16 -9.26
C PRO B 114 10.82 5.78 -9.96
N GLY B 115 11.57 4.91 -9.30
CA GLY B 115 12.55 4.06 -9.95
C GLY B 115 11.90 2.80 -10.45
N ILE B 116 12.72 1.77 -10.66
CA ILE B 116 12.30 0.55 -11.32
C ILE B 116 12.91 -0.65 -10.59
N PHE B 117 12.07 -1.63 -10.26
CA PHE B 117 12.52 -2.98 -9.98
C PHE B 117 12.55 -3.72 -11.31
N LYS B 118 13.73 -4.11 -11.77
CA LYS B 118 13.86 -4.92 -12.98
C LYS B 118 13.88 -6.39 -12.58
N THR B 119 12.89 -7.14 -13.04
CA THR B 119 12.80 -8.57 -12.73
C THR B 119 12.80 -9.38 -14.02
N LYS B 120 12.99 -10.69 -13.86
CA LYS B 120 12.96 -11.57 -15.01
C LYS B 120 11.61 -11.56 -15.72
N ASP B 121 10.56 -11.09 -15.04
CA ASP B 121 9.22 -11.06 -15.59
C ASP B 121 8.80 -9.67 -16.01
N GLY B 122 9.70 -8.69 -15.97
CA GLY B 122 9.40 -7.34 -16.39
C GLY B 122 9.73 -6.32 -15.33
N ASP B 123 9.47 -5.06 -15.66
CA ASP B 123 9.79 -3.94 -14.80
C ASP B 123 8.57 -3.58 -13.96
N ILE B 124 8.82 -3.19 -12.71
CA ILE B 124 7.80 -2.72 -11.79
C ILE B 124 8.26 -1.36 -11.26
N GLY B 125 7.37 -0.36 -11.31
CA GLY B 125 7.70 0.90 -10.67
C GLY B 125 7.96 0.70 -9.19
N ALA B 126 8.85 1.54 -8.64
CA ALA B 126 9.25 1.40 -7.25
C ALA B 126 9.57 2.77 -6.68
N VAL B 127 9.17 3.02 -5.43
CA VAL B 127 9.34 4.33 -4.81
C VAL B 127 10.33 4.26 -3.67
N ALA B 128 11.29 5.18 -3.69
CA ALA B 128 12.36 5.26 -2.69
C ALA B 128 11.93 6.21 -1.57
N LEU B 129 10.96 5.74 -0.79
CA LEU B 129 10.37 6.50 0.30
C LEU B 129 10.28 5.57 1.49
N ASP B 130 10.68 6.05 2.67
CA ASP B 130 10.91 5.19 3.83
C ASP B 130 10.02 5.63 4.97
N TYR B 131 9.15 4.74 5.42
CA TYR B 131 8.17 4.99 6.47
C TYR B 131 8.09 3.79 7.40
N PRO B 132 7.48 3.95 8.58
CA PRO B 132 7.40 2.82 9.51
C PRO B 132 6.61 1.64 8.93
N ALA B 133 6.88 0.46 9.49
CA ALA B 133 6.24 -0.77 9.02
C ALA B 133 4.72 -0.65 8.96
N GLY B 134 4.12 0.03 9.93
CA GLY B 134 2.67 0.16 9.94
C GLY B 134 2.09 1.10 8.89
N THR B 135 2.93 1.70 8.06
CA THR B 135 2.50 2.46 6.88
C THR B 135 2.17 1.54 5.71
N SER B 136 2.51 0.25 5.81
CA SER B 136 2.20 -0.74 4.79
C SER B 136 0.74 -0.68 4.38
N GLY B 137 0.51 -0.70 3.07
CA GLY B 137 -0.83 -0.59 2.54
C GLY B 137 -1.25 0.81 2.13
N SER B 138 -0.42 1.81 2.41
CA SER B 138 -0.76 3.17 2.01
C SER B 138 -0.83 3.24 0.48
N PRO B 139 -1.81 3.96 -0.07
CA PRO B 139 -1.96 3.98 -1.53
C PRO B 139 -0.99 4.94 -2.20
N ILE B 140 -0.62 4.55 -3.42
CA ILE B 140 0.18 5.37 -4.33
C ILE B 140 -0.75 5.80 -5.46
N LEU B 141 -0.69 7.09 -5.81
CA LEU B 141 -1.68 7.74 -6.64
C LEU B 141 -1.06 8.31 -7.91
N ASP B 142 -1.84 8.28 -8.99
CA ASP B 142 -1.54 9.09 -10.17
C ASP B 142 -2.18 10.48 -10.03
N LYS B 143 -1.96 11.33 -11.03
CA LYS B 143 -2.37 12.73 -10.92
C LYS B 143 -3.88 12.90 -10.96
N CYS B 144 -4.61 11.87 -11.38
CA CYS B 144 -6.07 11.86 -11.31
C CYS B 144 -6.58 11.35 -9.96
N GLY B 145 -5.69 11.04 -9.04
CA GLY B 145 -6.10 10.51 -7.76
C GLY B 145 -6.44 9.04 -7.75
N ARG B 146 -6.22 8.33 -8.87
N ARG B 146 -6.22 8.33 -8.87
CA ARG B 146 -6.48 6.91 -8.91
CA ARG B 146 -6.47 6.91 -8.92
C ARG B 146 -5.35 6.17 -8.21
C ARG B 146 -5.35 6.16 -8.20
N VAL B 147 -5.69 5.07 -7.55
CA VAL B 147 -4.72 4.26 -6.84
C VAL B 147 -4.03 3.33 -7.82
N ILE B 148 -2.73 3.57 -8.06
CA ILE B 148 -1.96 2.76 -8.98
C ILE B 148 -1.22 1.63 -8.27
N GLY B 149 -1.31 1.56 -6.95
CA GLY B 149 -0.75 0.44 -6.22
C GLY B 149 -0.68 0.77 -4.75
N LEU B 150 -0.19 -0.20 -3.97
CA LEU B 150 -0.02 -0.05 -2.54
C LEU B 150 1.45 -0.13 -2.17
N TYR B 151 1.81 0.65 -1.14
CA TYR B 151 3.17 0.76 -0.63
C TYR B 151 3.46 -0.27 0.45
N GLY B 152 4.63 -0.86 0.39
CA GLY B 152 5.12 -1.61 1.53
C GLY B 152 5.71 -2.99 1.31
N ASN B 153 5.80 -3.48 0.08
CA ASN B 153 6.54 -4.70 -0.21
C ASN B 153 7.76 -4.27 -1.01
N GLY B 154 8.93 -4.43 -0.44
CA GLY B 154 10.13 -3.83 -1.03
C GLY B 154 11.41 -4.51 -0.65
N VAL B 155 12.48 -3.71 -0.71
CA VAL B 155 13.84 -4.17 -0.45
C VAL B 155 14.59 -3.08 0.31
N VAL B 156 15.61 -3.51 1.04
CA VAL B 156 16.53 -2.61 1.71
C VAL B 156 17.83 -2.58 0.91
N ILE B 157 18.25 -1.38 0.51
CA ILE B 157 19.48 -1.25 -0.27
C ILE B 157 20.69 -1.05 0.62
N LYS B 158 21.88 -0.93 0.02
CA LYS B 158 23.14 -1.06 0.75
C LYS B 158 23.25 -0.11 1.93
N ASN B 159 22.77 1.13 1.77
CA ASN B 159 22.91 2.12 2.83
C ASN B 159 21.83 2.01 3.91
N GLY B 160 20.96 1.00 3.85
CA GLY B 160 19.93 0.79 4.82
C GLY B 160 18.61 1.46 4.50
N SER B 161 18.53 2.25 3.43
CA SER B 161 17.28 2.87 3.04
C SER B 161 16.43 1.87 2.27
N TYR B 162 15.21 2.29 1.97
CA TYR B 162 14.16 1.39 1.53
C TYR B 162 13.63 1.80 0.17
N VAL B 163 13.23 0.80 -0.59
CA VAL B 163 12.55 1.00 -1.87
C VAL B 163 11.36 0.05 -1.91
N SER B 164 10.17 0.58 -2.14
CA SER B 164 8.94 -0.21 -2.22
C SER B 164 8.48 -0.40 -3.65
N ALA B 165 8.10 -1.61 -4.00
CA ALA B 165 7.38 -1.78 -5.25
C ALA B 165 6.09 -0.97 -5.21
N ILE B 166 5.62 -0.53 -6.37
CA ILE B 166 4.27 -0.06 -6.55
C ILE B 166 3.45 -1.32 -6.85
N THR B 167 2.84 -1.92 -5.83
CA THR B 167 2.18 -3.21 -5.99
C THR B 167 0.72 -3.00 -6.37
N GLN B 168 0.33 -3.52 -7.52
CA GLN B 168 -1.05 -3.43 -7.99
C GLN B 168 -1.57 -4.84 -8.29
N GLY B 169 -2.85 -5.05 -8.01
CA GLY B 169 -3.50 -6.30 -8.34
C GLY B 169 -4.11 -6.28 -9.72
N LYS B 170 -4.78 -7.37 -10.05
CA LYS B 170 -5.55 -7.47 -11.29
C LYS B 170 -7.03 -7.33 -10.94
N ARG B 171 -7.74 -6.50 -11.69
CA ARG B 171 -9.20 -6.44 -11.60
C ARG B 171 -9.76 -7.30 -12.72
N GLU B 172 -10.43 -8.39 -12.33
CA GLU B 172 -10.87 -9.40 -13.30
C GLU B 172 -12.17 -9.01 -13.99
N1 JVC C . 14.76 1.25 6.00
C7 JVC C . 7.17 -3.35 5.56
C8 JVC C . 7.64 -4.68 4.95
N2 JVC C . 14.24 -0.92 6.59
C9 JVC C . 7.08 -5.88 5.74
O1 JVC C . 11.58 -1.20 11.78
C1 JVC C . 11.39 -0.27 6.38
C5 JVC C . 7.73 -0.13 5.05
C6 JVC C . 6.51 -1.04 5.13
N3 JVC C . 6.83 -2.40 4.70
C4 JVC C . 8.92 -0.62 5.87
O4 JVC C . 7.13 -3.20 6.78
C3 JVC C . 10.12 0.28 5.72
O3 JVC C . 9.34 -4.50 2.70
C2 JVC C . 13.81 0.28 6.24
N4 JVC C . 6.47 -9.89 1.26
N JVC C . 12.52 0.60 6.08
C JVC C . 11.17 -0.50 7.87
O JVC C . 10.78 -1.59 8.30
C10 JVC C . 7.44 -7.21 5.10
C11 JVC C . 6.65 -7.71 4.07
C12 JVC C . 6.89 -8.97 3.53
C13 JVC C . 5.89 -9.57 2.55
C14 JVC C . 7.97 -9.70 3.99
C15 JVC C . 8.78 -9.20 4.99
C16 JVC C . 8.52 -7.96 5.53
C17 JVC C . 9.82 -4.68 3.82
C18 JVC C . 11.33 -4.84 4.00
C19 JVC C . 11.94 -5.68 2.89
C20 JVC C . 11.39 -7.09 2.81
C21 JVC C . 12.33 -8.05 2.08
C22 JVC C . 11.84 -9.48 2.15
C23 JVC C . 12.43 -4.50 6.13
C24 JVC C . 12.96 -5.16 7.40
C25 JVC C . 14.01 -4.34 8.11
C26 JVC C . 13.65 -3.44 9.11
C27 JVC C . 14.60 -2.67 9.76
C28 JVC C . 14.17 -1.69 10.82
C29 JVC C . 11.99 -0.58 10.81
C30 JVC C . 11.11 0.43 10.10
C31 JVC C . 15.94 -2.81 9.41
C32 JVC C . 16.31 -3.70 8.41
C33 JVC C . 15.35 -4.46 7.77
N5 JVC C . 9.09 -4.72 4.94
N6 JVC C . 12.00 -10.09 3.48
N7 JVC C . 11.74 -5.31 5.32
N8 JVC C . 13.22 -0.72 10.32
N9 JVC C . 11.41 0.52 8.68
O2 JVC C . 12.67 -3.32 5.86
#